data_1IG3
#
_entry.id   1IG3
#
_cell.length_a   89.8
_cell.length_b   89.8
_cell.length_c   141.1
_cell.angle_alpha   90
_cell.angle_beta   90
_cell.angle_gamma   120
#
_symmetry.space_group_name_H-M   'P 31 2 1'
#
loop_
_entity.id
_entity.type
_entity.pdbx_description
1 polymer 'thiamin pyrophosphokinase'
2 non-polymer 'SULFATE ION'
3 non-polymer 3-(4-AMINO-2-METHYL-PYRIMIDIN-5-YLMETHYL)-5-(2-HYDROXY-ETHYL)-4-METHYL-THIAZOL-3-IUM
4 water water
#
_entity_poly.entity_id   1
_entity_poly.type   'polypeptide(L)'
_entity_poly.pdbx_seq_one_letter_code
;MGSSHHHHHHSSGLVPRGSHMEHAFTPLEPLLPTGNLKYCLVVLNQPLDARFRHLWKKALLRACADGGANHLYDLTEGER
ESFLPEFVSGDFDSIRPEVKEYYTKKGCDLISTPDQDHTDFTKCLQVLQRKIEEKELQVDVIVTLGGLGGRFDQIMASVN
TLFQATHITPVPIIIIQKDSLIYLLQPGKHRLHVDTGMEGSWCGLIPVGQPCNQVTTTGLKWNLTNDVLGFGTLVSTSNT
YDGSGLVTVETDHPLLWTMAIKS
;
_entity_poly.pdbx_strand_id   A,B
#
# COMPACT_ATOMS: atom_id res chain seq x y z
N HIS A 10 -7.41 43.52 32.98
CA HIS A 10 -7.98 42.15 32.88
C HIS A 10 -9.42 42.24 32.41
N SER A 11 -9.90 41.18 31.78
CA SER A 11 -11.29 41.14 31.31
C SER A 11 -12.12 40.70 32.52
N SER A 12 -13.39 41.07 32.53
CA SER A 12 -14.28 40.69 33.62
C SER A 12 -15.50 39.97 33.07
N GLY A 13 -16.27 39.35 33.95
CA GLY A 13 -17.45 38.62 33.52
C GLY A 13 -17.10 37.19 33.13
N LEU A 14 -18.04 36.48 32.52
CA LEU A 14 -17.79 35.11 32.10
C LEU A 14 -16.78 35.11 30.96
N VAL A 15 -15.73 34.31 31.10
CA VAL A 15 -14.71 34.21 30.07
C VAL A 15 -14.43 32.73 29.78
N PRO A 16 -14.12 32.41 28.52
CA PRO A 16 -13.84 31.01 28.15
C PRO A 16 -12.41 30.68 28.53
N ARG A 17 -12.20 29.46 29.01
CA ARG A 17 -10.88 29.05 29.44
C ARG A 17 -10.66 27.57 29.18
N GLY A 18 -9.39 27.19 29.07
CA GLY A 18 -9.03 25.79 28.89
C GLY A 18 -9.32 25.09 27.58
N SER A 19 -9.47 25.84 26.48
CA SER A 19 -9.72 25.17 25.22
C SER A 19 -8.40 24.90 24.51
N HIS A 20 -8.42 23.97 23.57
CA HIS A 20 -7.24 23.64 22.79
C HIS A 20 -7.74 23.45 21.37
N MET A 21 -6.82 23.41 20.40
CA MET A 21 -7.21 23.24 19.01
C MET A 21 -7.15 21.78 18.56
N GLU A 22 -8.07 21.39 17.69
CA GLU A 22 -8.11 20.05 17.13
C GLU A 22 -8.41 20.24 15.66
N HIS A 23 -7.93 19.32 14.82
CA HIS A 23 -8.17 19.44 13.41
C HIS A 23 -9.39 18.62 13.02
N ALA A 24 -10.46 19.30 12.64
CA ALA A 24 -11.69 18.63 12.23
C ALA A 24 -11.63 18.37 10.72
N PHE A 25 -12.13 17.22 10.30
CA PHE A 25 -12.11 16.86 8.89
C PHE A 25 -13.12 15.74 8.62
N THR A 26 -13.75 15.78 7.46
CA THR A 26 -14.70 14.76 7.06
C THR A 26 -14.08 14.18 5.78
N PRO A 27 -13.31 13.09 5.91
CA PRO A 27 -12.63 12.45 4.78
C PRO A 27 -13.45 12.18 3.53
N LEU A 28 -14.64 11.62 3.68
CA LEU A 28 -15.45 11.29 2.51
C LEU A 28 -16.47 12.32 2.07
N GLU A 29 -16.37 13.54 2.56
CA GLU A 29 -17.34 14.56 2.17
C GLU A 29 -17.39 14.81 0.65
N PRO A 30 -16.24 14.79 -0.03
CA PRO A 30 -16.23 15.02 -1.48
C PRO A 30 -17.07 14.01 -2.26
N LEU A 31 -17.31 12.84 -1.68
CA LEU A 31 -18.08 11.81 -2.36
C LEU A 31 -19.59 12.01 -2.27
N LEU A 32 -20.00 12.99 -1.47
CA LEU A 32 -21.42 13.27 -1.31
C LEU A 32 -22.00 14.05 -2.49
N PRO A 33 -23.27 13.75 -2.84
CA PRO A 33 -24.01 14.37 -3.94
C PRO A 33 -24.16 15.87 -3.75
N THR A 34 -24.56 16.27 -2.54
CA THR A 34 -24.76 17.67 -2.25
C THR A 34 -23.63 18.24 -1.42
N GLY A 35 -23.69 19.54 -1.16
CA GLY A 35 -22.66 20.16 -0.36
C GLY A 35 -21.93 21.24 -1.12
N ASN A 36 -21.15 22.03 -0.41
CA ASN A 36 -20.43 23.10 -1.06
C ASN A 36 -18.94 23.05 -0.76
N LEU A 37 -18.37 21.85 -0.74
CA LEU A 37 -16.96 21.69 -0.46
C LEU A 37 -16.07 22.27 -1.56
N LYS A 38 -15.02 23.00 -1.18
CA LYS A 38 -14.09 23.57 -2.14
C LYS A 38 -12.88 22.65 -2.23
N TYR A 39 -12.70 22.02 -3.40
CA TYR A 39 -11.59 21.09 -3.56
C TYR A 39 -11.04 20.98 -4.98
N CYS A 40 -9.81 20.48 -5.07
CA CYS A 40 -9.18 20.28 -6.36
C CYS A 40 -9.09 18.78 -6.59
N LEU A 41 -8.92 18.39 -7.85
CA LEU A 41 -8.84 16.98 -8.16
C LEU A 41 -7.57 16.69 -8.92
N VAL A 42 -6.84 15.67 -8.47
CA VAL A 42 -5.60 15.27 -9.11
C VAL A 42 -5.76 13.82 -9.59
N VAL A 43 -5.51 13.58 -10.87
CA VAL A 43 -5.66 12.23 -11.43
C VAL A 43 -4.30 11.64 -11.70
N LEU A 44 -3.98 10.55 -10.99
CA LEU A 44 -2.70 9.87 -11.16
C LEU A 44 -2.80 8.74 -12.18
N ASN A 45 -1.67 8.11 -12.45
CA ASN A 45 -1.59 7.03 -13.43
C ASN A 45 -2.05 5.66 -12.97
N GLN A 46 -3.35 5.56 -12.80
CA GLN A 46 -4.00 4.32 -12.39
C GLN A 46 -5.37 4.31 -13.05
N PRO A 47 -5.95 3.11 -13.25
CA PRO A 47 -7.28 3.04 -13.86
C PRO A 47 -8.21 3.88 -12.99
N LEU A 48 -9.05 4.69 -13.65
CA LEU A 48 -9.98 5.56 -12.96
C LEU A 48 -11.20 4.84 -12.44
N ASP A 49 -11.60 5.16 -11.21
CA ASP A 49 -12.80 4.57 -10.64
C ASP A 49 -13.99 5.36 -11.18
N ALA A 50 -15.15 4.73 -11.22
CA ALA A 50 -16.35 5.38 -11.73
C ALA A 50 -16.68 6.71 -11.03
N ARG A 51 -16.37 6.82 -9.74
CA ARG A 51 -16.66 8.05 -9.01
C ARG A 51 -15.94 9.29 -9.56
N PHE A 52 -14.99 9.11 -10.46
CA PHE A 52 -14.28 10.28 -10.98
C PHE A 52 -15.23 11.25 -11.64
N ARG A 53 -16.32 10.74 -12.22
CA ARG A 53 -17.29 11.60 -12.88
C ARG A 53 -17.94 12.64 -11.96
N HIS A 54 -18.45 12.18 -10.82
CA HIS A 54 -19.09 13.05 -9.85
C HIS A 54 -18.07 14.05 -9.27
N LEU A 55 -16.88 13.55 -8.93
CA LEU A 55 -15.84 14.39 -8.37
C LEU A 55 -15.37 15.46 -9.35
N TRP A 56 -15.33 15.12 -10.63
CA TRP A 56 -14.85 16.06 -11.64
C TRP A 56 -15.70 17.31 -11.73
N LYS A 57 -17.01 17.11 -11.74
CA LYS A 57 -17.99 18.18 -11.83
C LYS A 57 -17.80 19.35 -10.89
N LYS A 58 -17.80 19.06 -9.60
CA LYS A 58 -17.68 20.10 -8.61
C LYS A 58 -16.27 20.55 -8.21
N ALA A 59 -15.24 19.92 -8.73
CA ALA A 59 -13.87 20.34 -8.38
C ALA A 59 -13.60 21.76 -8.87
N LEU A 60 -12.79 22.50 -8.12
CA LEU A 60 -12.43 23.88 -8.50
C LEU A 60 -11.33 23.88 -9.55
N LEU A 61 -10.51 22.85 -9.51
CA LEU A 61 -9.37 22.70 -10.42
C LEU A 61 -9.17 21.20 -10.60
N ARG A 62 -8.96 20.76 -11.84
CA ARG A 62 -8.70 19.36 -12.11
C ARG A 62 -7.39 19.27 -12.86
N ALA A 63 -6.54 18.35 -12.43
CA ALA A 63 -5.26 18.17 -13.09
C ALA A 63 -4.96 16.67 -13.20
N CYS A 64 -4.03 16.34 -14.09
CA CYS A 64 -3.60 14.96 -14.30
C CYS A 64 -2.09 14.96 -14.11
N ALA A 65 -1.55 13.88 -13.57
CA ALA A 65 -0.11 13.76 -13.41
C ALA A 65 0.29 12.66 -14.41
N ASP A 66 1.22 12.96 -15.32
CA ASP A 66 1.67 11.99 -16.35
C ASP A 66 0.55 11.18 -17.00
N GLY A 67 0.70 9.87 -16.89
CA GLY A 67 -0.20 8.89 -17.44
C GLY A 67 -1.63 9.01 -17.00
N GLY A 68 -1.89 9.75 -15.94
CA GLY A 68 -3.27 9.94 -15.52
C GLY A 68 -4.06 10.51 -16.68
N ALA A 69 -3.40 11.28 -17.55
CA ALA A 69 -4.12 11.88 -18.69
C ALA A 69 -4.63 10.79 -19.63
N ASN A 70 -3.86 9.70 -19.79
CA ASN A 70 -4.26 8.59 -20.64
C ASN A 70 -5.54 7.94 -20.11
N HIS A 71 -5.55 7.67 -18.80
CA HIS A 71 -6.70 7.03 -18.16
C HIS A 71 -7.93 7.91 -18.26
N LEU A 72 -7.74 9.22 -18.13
CA LEU A 72 -8.86 10.14 -18.22
C LEU A 72 -9.43 10.08 -19.65
N TYR A 73 -8.51 10.22 -20.60
CA TYR A 73 -8.83 10.20 -22.02
C TYR A 73 -9.54 8.91 -22.44
N ASP A 74 -9.05 7.77 -21.97
CA ASP A 74 -9.62 6.48 -22.34
C ASP A 74 -10.97 6.16 -21.75
N LEU A 75 -11.41 6.95 -20.79
CA LEU A 75 -12.70 6.69 -20.17
C LEU A 75 -13.71 7.80 -20.48
N THR A 76 -13.34 8.75 -21.33
CA THR A 76 -14.24 9.85 -21.64
C THR A 76 -14.56 10.05 -23.13
N GLU A 77 -14.40 9.00 -23.92
CA GLU A 77 -14.69 9.08 -25.36
C GLU A 77 -16.10 9.58 -25.60
N GLY A 78 -16.24 10.53 -26.53
CA GLY A 78 -17.54 11.06 -26.84
C GLY A 78 -17.89 12.31 -26.05
N GLU A 79 -17.23 12.50 -24.91
CA GLU A 79 -17.51 13.67 -24.09
C GLU A 79 -16.22 14.24 -23.51
N ARG A 80 -15.11 14.10 -24.23
CA ARG A 80 -13.83 14.60 -23.74
C ARG A 80 -13.82 16.11 -23.54
N GLU A 81 -14.63 16.83 -24.29
CA GLU A 81 -14.67 18.28 -24.12
C GLU A 81 -15.27 18.67 -22.77
N SER A 82 -15.95 17.73 -22.13
CA SER A 82 -16.54 17.99 -20.82
C SER A 82 -15.57 17.54 -19.72
N PHE A 83 -14.42 17.00 -20.14
CA PHE A 83 -13.42 16.53 -19.19
C PHE A 83 -12.02 16.98 -19.58
N LEU A 84 -11.82 18.28 -19.59
CA LEU A 84 -10.53 18.86 -19.92
C LEU A 84 -9.85 19.36 -18.65
N PRO A 85 -8.71 18.78 -18.29
CA PRO A 85 -8.00 19.22 -17.09
C PRO A 85 -7.45 20.62 -17.28
N GLU A 86 -7.36 21.37 -16.19
CA GLU A 86 -6.80 22.71 -16.24
C GLU A 86 -5.39 22.54 -16.74
N PHE A 87 -4.69 21.56 -16.17
CA PHE A 87 -3.33 21.28 -16.60
C PHE A 87 -2.98 19.80 -16.47
N VAL A 88 -1.92 19.42 -17.17
CA VAL A 88 -1.40 18.07 -17.15
C VAL A 88 0.10 18.27 -16.95
N SER A 89 0.66 17.65 -15.93
CA SER A 89 2.08 17.78 -15.66
C SER A 89 2.75 16.43 -15.56
N GLY A 90 4.07 16.41 -15.60
CA GLY A 90 4.79 15.16 -15.48
C GLY A 90 5.71 14.89 -16.64
N ASP A 91 6.18 13.65 -16.71
CA ASP A 91 7.05 13.26 -17.80
C ASP A 91 6.14 13.05 -19.00
N PHE A 92 6.45 13.73 -20.09
CA PHE A 92 5.61 13.63 -21.26
C PHE A 92 5.79 12.41 -22.14
N ASP A 93 6.67 11.51 -21.72
CA ASP A 93 6.87 10.28 -22.48
C ASP A 93 5.86 9.27 -21.93
N SER A 94 5.29 9.62 -20.78
CA SER A 94 4.30 8.78 -20.12
C SER A 94 2.89 9.01 -20.68
N ILE A 95 2.71 10.07 -21.46
CA ILE A 95 1.42 10.38 -22.05
C ILE A 95 1.45 9.91 -23.51
N ARG A 96 0.39 9.25 -23.97
CA ARG A 96 0.39 8.77 -25.36
C ARG A 96 0.39 9.96 -26.31
N PRO A 97 1.03 9.80 -27.49
CA PRO A 97 1.07 10.93 -28.43
C PRO A 97 -0.27 11.59 -28.77
N GLU A 98 -1.27 10.80 -29.12
CA GLU A 98 -2.56 11.37 -29.48
C GLU A 98 -3.29 12.01 -28.30
N VAL A 99 -3.03 11.52 -27.09
CA VAL A 99 -3.66 12.07 -25.88
C VAL A 99 -3.09 13.47 -25.61
N LYS A 100 -1.76 13.58 -25.65
CA LYS A 100 -1.11 14.86 -25.43
C LYS A 100 -1.53 15.84 -26.54
N GLU A 101 -1.64 15.34 -27.76
CA GLU A 101 -2.02 16.19 -28.87
C GLU A 101 -3.43 16.74 -28.63
N TYR A 102 -4.34 15.89 -28.16
CA TYR A 102 -5.71 16.30 -27.90
C TYR A 102 -5.84 17.37 -26.82
N TYR A 103 -5.26 17.12 -25.65
CA TYR A 103 -5.36 18.09 -24.57
C TYR A 103 -4.65 19.39 -24.93
N THR A 104 -3.55 19.29 -25.66
CA THR A 104 -2.84 20.48 -26.05
C THR A 104 -3.70 21.37 -26.95
N LYS A 105 -4.24 20.81 -28.03
CA LYS A 105 -5.05 21.62 -28.94
C LYS A 105 -6.31 22.15 -28.26
N LYS A 106 -6.79 21.44 -27.25
CA LYS A 106 -7.97 21.85 -26.52
C LYS A 106 -7.70 22.94 -25.48
N GLY A 107 -6.46 23.43 -25.44
CA GLY A 107 -6.12 24.50 -24.50
C GLY A 107 -5.63 24.16 -23.12
N CYS A 108 -5.43 22.88 -22.84
CA CYS A 108 -4.95 22.45 -21.52
C CYS A 108 -3.49 22.85 -21.41
N ASP A 109 -3.09 23.21 -20.20
CA ASP A 109 -1.72 23.62 -19.97
C ASP A 109 -0.86 22.37 -19.70
N LEU A 110 0.00 22.04 -20.65
CA LEU A 110 0.90 20.88 -20.51
C LEU A 110 2.24 21.33 -19.92
N ILE A 111 2.48 20.96 -18.67
CA ILE A 111 3.70 21.37 -17.96
C ILE A 111 4.70 20.23 -17.74
N SER A 112 5.91 20.40 -18.25
CA SER A 112 6.96 19.40 -18.11
C SER A 112 7.63 19.49 -16.74
N THR A 113 7.83 18.34 -16.10
CA THR A 113 8.46 18.27 -14.78
C THR A 113 9.52 17.16 -14.77
N PRO A 114 10.70 17.43 -15.34
CA PRO A 114 11.86 16.53 -15.45
C PRO A 114 12.34 15.83 -14.17
N ASP A 115 12.74 16.63 -13.18
CA ASP A 115 13.24 16.16 -11.88
C ASP A 115 13.19 14.64 -11.65
N GLN A 116 14.35 13.99 -11.73
CA GLN A 116 14.44 12.54 -11.55
C GLN A 116 14.60 12.13 -10.07
N ASP A 117 14.35 13.05 -9.15
CA ASP A 117 14.45 12.76 -7.72
C ASP A 117 13.07 12.77 -7.08
N HIS A 118 12.06 13.17 -7.83
CA HIS A 118 10.71 13.25 -7.31
C HIS A 118 9.69 12.68 -8.30
N THR A 119 8.65 12.08 -7.77
CA THR A 119 7.61 11.48 -8.58
C THR A 119 6.75 12.55 -9.25
N ASP A 120 6.02 12.17 -10.29
CA ASP A 120 5.16 13.13 -10.96
C ASP A 120 4.04 13.61 -10.05
N PHE A 121 3.64 12.77 -9.10
CA PHE A 121 2.58 13.11 -8.15
C PHE A 121 3.04 14.31 -7.32
N THR A 122 4.21 14.20 -6.71
CA THR A 122 4.77 15.26 -5.90
C THR A 122 4.93 16.52 -6.75
N LYS A 123 5.53 16.37 -7.92
CA LYS A 123 5.73 17.52 -8.80
C LYS A 123 4.39 18.13 -9.21
N CYS A 124 3.39 17.30 -9.42
CA CYS A 124 2.07 17.78 -9.80
C CYS A 124 1.44 18.62 -8.65
N LEU A 125 1.66 18.21 -7.40
CA LEU A 125 1.11 18.98 -6.27
C LEU A 125 1.78 20.36 -6.19
N GLN A 126 3.07 20.41 -6.50
CA GLN A 126 3.80 21.67 -6.47
C GLN A 126 3.22 22.62 -7.53
N VAL A 127 2.86 22.08 -8.69
CA VAL A 127 2.28 22.91 -9.73
C VAL A 127 0.88 23.34 -9.32
N LEU A 128 0.14 22.45 -8.68
CA LEU A 128 -1.21 22.77 -8.24
C LEU A 128 -1.18 23.88 -7.21
N GLN A 129 -0.25 23.80 -6.27
CA GLN A 129 -0.13 24.83 -5.23
C GLN A 129 0.14 26.19 -5.90
N ARG A 130 1.06 26.20 -6.87
CA ARG A 130 1.39 27.44 -7.56
C ARG A 130 0.14 28.01 -8.22
N LYS A 131 -0.69 27.15 -8.81
CA LYS A 131 -1.90 27.61 -9.47
C LYS A 131 -2.95 28.07 -8.46
N ILE A 132 -3.01 27.41 -7.32
CA ILE A 132 -3.95 27.78 -6.26
C ILE A 132 -3.66 29.20 -5.81
N GLU A 133 -2.38 29.49 -5.62
CA GLU A 133 -1.96 30.80 -5.20
C GLU A 133 -2.24 31.85 -6.29
N GLU A 134 -1.72 31.63 -7.49
CA GLU A 134 -1.92 32.55 -8.60
C GLU A 134 -3.39 32.91 -8.79
N LYS A 135 -4.27 31.95 -8.64
CA LYS A 135 -5.69 32.21 -8.81
C LYS A 135 -6.37 32.54 -7.47
N GLU A 136 -5.56 32.71 -6.44
CA GLU A 136 -6.06 33.02 -5.10
C GLU A 136 -7.26 32.16 -4.75
N LEU A 137 -7.12 30.86 -4.98
CA LEU A 137 -8.21 29.93 -4.70
C LEU A 137 -8.26 29.53 -3.22
N GLN A 138 -9.46 29.29 -2.73
CA GLN A 138 -9.66 28.84 -1.35
C GLN A 138 -10.01 27.36 -1.47
N VAL A 139 -9.12 26.50 -0.99
CA VAL A 139 -9.34 25.06 -1.10
C VAL A 139 -9.34 24.35 0.26
N ASP A 140 -10.37 23.56 0.52
CA ASP A 140 -10.48 22.81 1.77
C ASP A 140 -9.72 21.48 1.68
N VAL A 141 -9.66 20.88 0.50
CA VAL A 141 -8.96 19.62 0.34
C VAL A 141 -8.52 19.37 -1.11
N ILE A 142 -7.49 18.55 -1.26
CA ILE A 142 -7.00 18.15 -2.59
C ILE A 142 -7.30 16.66 -2.62
N VAL A 143 -8.16 16.24 -3.54
CA VAL A 143 -8.56 14.85 -3.68
C VAL A 143 -7.74 14.22 -4.79
N THR A 144 -6.97 13.21 -4.45
CA THR A 144 -6.14 12.53 -5.41
C THR A 144 -6.76 11.18 -5.77
N LEU A 145 -6.86 10.90 -7.07
CA LEU A 145 -7.41 9.62 -7.55
C LEU A 145 -6.25 8.76 -8.07
N GLY A 146 -6.10 7.56 -7.51
CA GLY A 146 -5.03 6.67 -7.91
C GLY A 146 -3.97 6.47 -6.84
N GLY A 147 -2.78 6.00 -7.24
CA GLY A 147 -1.68 5.81 -6.31
C GLY A 147 -1.66 4.68 -5.30
N LEU A 148 -2.78 3.97 -5.11
CA LEU A 148 -2.83 2.89 -4.12
C LEU A 148 -2.86 1.49 -4.70
N GLY A 149 -2.70 1.40 -6.02
CA GLY A 149 -2.70 0.10 -6.68
C GLY A 149 -1.45 0.02 -7.55
N GLY A 150 -1.24 -1.10 -8.21
CA GLY A 150 -0.05 -1.20 -9.05
C GLY A 150 1.24 -1.52 -8.32
N ARG A 151 2.35 -1.06 -8.91
CA ARG A 151 3.69 -1.29 -8.38
C ARG A 151 3.78 -0.93 -6.91
N PHE A 152 4.32 -1.87 -6.13
CA PHE A 152 4.45 -1.62 -4.71
C PHE A 152 5.32 -0.40 -4.42
N ASP A 153 6.42 -0.19 -5.16
CA ASP A 153 7.26 0.98 -4.87
C ASP A 153 6.49 2.29 -5.08
N GLN A 154 5.59 2.30 -6.05
CA GLN A 154 4.78 3.48 -6.34
C GLN A 154 3.72 3.72 -5.28
N ILE A 155 3.17 2.64 -4.72
CA ILE A 155 2.18 2.82 -3.66
C ILE A 155 2.89 3.50 -2.50
N MET A 156 4.13 3.07 -2.21
CA MET A 156 4.90 3.66 -1.12
C MET A 156 5.29 5.10 -1.46
N ALA A 157 5.59 5.36 -2.72
CA ALA A 157 5.94 6.73 -3.11
C ALA A 157 4.74 7.64 -2.83
N SER A 158 3.54 7.15 -3.08
CA SER A 158 2.32 7.92 -2.85
C SER A 158 2.19 8.31 -1.39
N VAL A 159 2.49 7.34 -0.52
CA VAL A 159 2.43 7.60 0.91
C VAL A 159 3.48 8.64 1.25
N ASN A 160 4.68 8.47 0.71
CA ASN A 160 5.72 9.42 1.01
C ASN A 160 5.37 10.83 0.51
N THR A 161 4.62 10.93 -0.58
CA THR A 161 4.24 12.25 -1.07
C THR A 161 3.40 12.96 0.00
N LEU A 162 2.55 12.21 0.71
CA LEU A 162 1.73 12.83 1.75
C LEU A 162 2.63 13.45 2.84
N PHE A 163 3.77 12.83 3.10
CA PHE A 163 4.72 13.36 4.07
C PHE A 163 5.39 14.63 3.52
N GLN A 164 5.74 14.62 2.24
CA GLN A 164 6.39 15.80 1.67
C GLN A 164 5.44 16.97 1.48
N ALA A 165 4.16 16.66 1.27
CA ALA A 165 3.15 17.68 1.04
C ALA A 165 3.03 18.74 2.14
N THR A 166 3.40 18.38 3.36
CA THR A 166 3.32 19.32 4.47
C THR A 166 4.24 20.51 4.17
N HIS A 167 5.17 20.32 3.25
CA HIS A 167 6.10 21.38 2.88
C HIS A 167 5.75 21.95 1.51
N ILE A 168 4.68 21.43 0.92
CA ILE A 168 4.26 21.90 -0.39
C ILE A 168 3.01 22.74 -0.33
N THR A 169 2.08 22.34 0.52
CA THR A 169 0.83 23.06 0.63
C THR A 169 0.20 22.85 2.00
N PRO A 170 -0.59 23.83 2.46
CA PRO A 170 -1.27 23.80 3.75
C PRO A 170 -2.59 23.04 3.61
N VAL A 171 -3.04 22.84 2.38
CA VAL A 171 -4.30 22.16 2.16
C VAL A 171 -4.24 20.65 2.42
N PRO A 172 -5.25 20.11 3.14
CA PRO A 172 -5.27 18.67 3.43
C PRO A 172 -5.34 17.89 2.12
N ILE A 173 -4.68 16.74 2.09
CA ILE A 173 -4.66 15.90 0.89
C ILE A 173 -5.10 14.47 1.17
N ILE A 174 -6.08 13.98 0.43
CA ILE A 174 -6.49 12.59 0.60
C ILE A 174 -6.24 11.84 -0.70
N ILE A 175 -6.01 10.54 -0.61
CA ILE A 175 -5.81 9.72 -1.80
C ILE A 175 -6.84 8.62 -1.76
N ILE A 176 -7.51 8.43 -2.89
CA ILE A 176 -8.55 7.44 -3.02
C ILE A 176 -8.38 6.57 -4.25
N GLN A 177 -8.51 5.26 -4.07
CA GLN A 177 -8.48 4.33 -5.19
C GLN A 177 -9.26 3.09 -4.79
N LYS A 178 -10.16 2.70 -5.69
CA LYS A 178 -11.02 1.54 -5.52
C LYS A 178 -11.85 1.70 -4.24
N ASP A 179 -11.62 0.87 -3.23
CA ASP A 179 -12.40 0.97 -2.00
C ASP A 179 -11.63 1.56 -0.84
N SER A 180 -10.46 2.13 -1.10
CA SER A 180 -9.64 2.69 -0.04
C SER A 180 -9.31 4.16 -0.14
N LEU A 181 -9.14 4.78 1.03
CA LEU A 181 -8.72 6.16 1.17
C LEU A 181 -7.61 6.17 2.20
N ILE A 182 -6.64 7.05 2.03
CA ILE A 182 -5.59 7.25 3.02
C ILE A 182 -5.46 8.76 3.21
N TYR A 183 -5.02 9.13 4.41
CA TYR A 183 -4.88 10.51 4.80
C TYR A 183 -3.89 10.55 5.95
N LEU A 184 -2.88 11.40 5.86
CA LEU A 184 -1.85 11.49 6.88
C LEU A 184 -2.18 12.45 8.00
N LEU A 185 -2.26 11.92 9.21
CA LEU A 185 -2.58 12.71 10.40
C LEU A 185 -1.31 13.30 10.98
N GLN A 186 -1.18 14.63 10.94
CA GLN A 186 0.02 15.26 11.51
C GLN A 186 -0.05 15.21 13.04
N PRO A 187 1.10 15.41 13.72
CA PRO A 187 1.09 15.37 15.19
C PRO A 187 0.04 16.33 15.74
N GLY A 188 -0.72 15.86 16.72
CA GLY A 188 -1.78 16.68 17.28
C GLY A 188 -3.06 15.88 17.45
N LYS A 189 -4.17 16.58 17.66
CA LYS A 189 -5.47 15.96 17.86
C LYS A 189 -6.38 16.17 16.65
N HIS A 190 -7.00 15.08 16.21
CA HIS A 190 -7.88 15.08 15.05
C HIS A 190 -9.29 14.62 15.37
N ARG A 191 -10.26 15.24 14.71
CA ARG A 191 -11.66 14.88 14.86
C ARG A 191 -12.11 14.53 13.44
N LEU A 192 -12.25 13.23 13.17
CA LEU A 192 -12.64 12.76 11.85
C LEU A 192 -14.09 12.36 11.79
N HIS A 193 -14.87 13.08 10.99
CA HIS A 193 -16.28 12.73 10.88
C HIS A 193 -16.45 11.62 9.85
N VAL A 194 -17.01 10.50 10.31
CA VAL A 194 -17.21 9.35 9.48
C VAL A 194 -18.68 8.98 9.41
N ASP A 195 -19.51 10.00 9.24
CA ASP A 195 -20.96 9.84 9.19
C ASP A 195 -21.60 10.31 7.88
N THR A 196 -20.84 10.30 6.78
CA THR A 196 -21.38 10.73 5.50
C THR A 196 -22.30 9.66 4.94
N GLY A 197 -22.10 8.42 5.38
CA GLY A 197 -22.89 7.34 4.86
C GLY A 197 -22.21 6.69 3.68
N MET A 198 -21.01 7.19 3.33
CA MET A 198 -20.22 6.63 2.22
C MET A 198 -19.14 5.71 2.80
N GLU A 199 -19.02 5.72 4.12
CA GLU A 199 -18.02 4.90 4.80
C GLU A 199 -18.23 3.40 4.62
N GLY A 200 -17.13 2.69 4.49
CA GLY A 200 -17.15 1.24 4.37
C GLY A 200 -16.99 0.67 5.78
N SER A 201 -16.87 -0.64 5.93
CA SER A 201 -16.78 -1.21 7.28
C SER A 201 -15.43 -1.18 7.99
N TRP A 202 -14.33 -1.09 7.24
CA TRP A 202 -13.01 -1.11 7.87
C TRP A 202 -12.25 0.22 7.90
N CYS A 203 -11.27 0.29 8.79
CA CYS A 203 -10.40 1.47 8.92
C CYS A 203 -9.12 1.00 9.60
N GLY A 204 -8.13 1.88 9.66
CA GLY A 204 -6.88 1.50 10.28
C GLY A 204 -6.00 2.71 10.57
N LEU A 205 -4.96 2.49 11.36
CA LEU A 205 -4.00 3.51 11.72
C LEU A 205 -2.64 2.88 11.49
N ILE A 206 -1.92 3.40 10.50
CA ILE A 206 -0.63 2.85 10.09
C ILE A 206 0.54 3.79 10.41
N PRO A 207 1.45 3.37 11.29
CA PRO A 207 2.60 4.18 11.69
C PRO A 207 3.74 4.00 10.67
N VAL A 208 3.48 4.40 9.44
CA VAL A 208 4.45 4.24 8.37
C VAL A 208 5.88 4.77 8.52
N GLY A 209 6.07 6.03 8.90
CA GLY A 209 7.44 6.54 8.98
C GLY A 209 8.27 6.23 10.21
N GLN A 210 7.61 6.26 11.36
CA GLN A 210 8.27 5.98 12.63
C GLN A 210 7.20 5.56 13.64
N PRO A 211 7.61 4.88 14.72
CA PRO A 211 6.60 4.47 15.71
C PRO A 211 5.93 5.71 16.30
N CYS A 212 4.63 5.62 16.55
CA CYS A 212 3.91 6.71 17.19
C CYS A 212 3.76 6.21 18.62
N ASN A 213 4.58 6.76 19.50
CA ASN A 213 4.62 6.33 20.89
C ASN A 213 3.46 6.69 21.79
N GLN A 214 2.59 7.58 21.36
CA GLN A 214 1.46 7.92 22.20
C GLN A 214 0.26 8.22 21.32
N VAL A 215 -0.57 7.20 21.13
CA VAL A 215 -1.76 7.34 20.32
C VAL A 215 -3.00 7.08 21.18
N THR A 216 -3.98 7.96 21.06
CA THR A 216 -5.23 7.84 21.80
C THR A 216 -6.37 8.10 20.84
N THR A 217 -7.36 7.20 20.85
CA THR A 217 -8.50 7.33 19.95
C THR A 217 -9.81 7.09 20.67
N THR A 218 -10.90 7.54 20.05
CA THR A 218 -12.26 7.26 20.51
C THR A 218 -12.99 6.96 19.19
N GLY A 219 -14.07 6.16 19.24
CA GLY A 219 -14.81 5.87 18.02
C GLY A 219 -14.48 4.61 17.27
N LEU A 220 -13.50 3.86 17.73
CA LEU A 220 -13.09 2.62 17.06
C LEU A 220 -13.49 1.42 17.90
N LYS A 221 -13.58 0.25 17.28
CA LYS A 221 -13.93 -0.97 18.01
C LYS A 221 -12.75 -1.29 18.90
N TRP A 222 -11.55 -1.10 18.36
CA TRP A 222 -10.35 -1.31 19.13
C TRP A 222 -9.69 0.05 19.27
N ASN A 223 -9.88 0.70 20.42
CA ASN A 223 -9.27 2.00 20.63
C ASN A 223 -7.86 1.89 21.19
N LEU A 224 -7.11 2.99 21.05
CA LEU A 224 -5.76 3.07 21.61
C LEU A 224 -5.86 4.10 22.74
N THR A 225 -5.13 3.87 23.82
CA THR A 225 -5.11 4.80 24.95
C THR A 225 -3.65 4.98 25.36
N ASN A 226 -3.06 6.11 24.96
CA ASN A 226 -1.63 6.37 25.21
C ASN A 226 -0.85 5.13 24.83
N ASP A 227 -1.19 4.54 23.68
CA ASP A 227 -0.51 3.34 23.21
C ASP A 227 0.50 3.59 22.11
N VAL A 228 1.40 2.64 21.95
CA VAL A 228 2.42 2.69 20.91
C VAL A 228 1.95 1.92 19.67
N LEU A 229 2.03 2.57 18.52
CA LEU A 229 1.71 1.92 17.26
C LEU A 229 3.04 1.94 16.51
N GLY A 230 3.47 0.77 16.03
CA GLY A 230 4.74 0.70 15.33
C GLY A 230 4.83 -0.61 14.61
N PHE A 231 5.49 -0.63 13.45
CA PHE A 231 5.63 -1.88 12.73
C PHE A 231 6.41 -2.88 13.56
N GLY A 232 5.88 -4.09 13.64
CA GLY A 232 6.52 -5.11 14.44
C GLY A 232 6.05 -5.04 15.89
N THR A 233 5.35 -3.97 16.26
CA THR A 233 4.86 -3.82 17.63
C THR A 233 3.33 -3.90 17.63
N LEU A 234 2.70 -2.98 16.91
CA LEU A 234 1.25 -2.96 16.80
C LEU A 234 0.86 -2.00 15.69
N VAL A 235 0.08 -2.50 14.74
CA VAL A 235 -0.42 -1.69 13.64
C VAL A 235 -1.90 -1.97 13.62
N SER A 236 -2.72 -0.94 13.54
CA SER A 236 -4.16 -1.16 13.53
C SER A 236 -4.69 -1.35 12.10
N THR A 237 -5.10 -2.58 11.78
CA THR A 237 -5.69 -2.88 10.48
C THR A 237 -6.94 -3.68 10.78
N SER A 238 -7.90 -3.64 9.87
CA SER A 238 -9.17 -4.33 10.07
C SER A 238 -9.85 -3.81 11.36
N ASN A 239 -9.67 -2.53 11.64
CA ASN A 239 -10.33 -1.93 12.78
C ASN A 239 -11.71 -1.59 12.23
N THR A 240 -12.64 -1.18 13.09
CA THR A 240 -13.94 -0.79 12.61
C THR A 240 -14.50 0.26 13.55
N TYR A 241 -15.68 0.77 13.27
CA TYR A 241 -16.25 1.85 14.07
C TYR A 241 -17.19 1.42 15.21
N ASP A 242 -17.36 2.28 16.21
CA ASP A 242 -18.26 1.97 17.33
C ASP A 242 -19.67 2.43 17.03
N GLY A 243 -19.86 3.06 15.86
CA GLY A 243 -21.16 3.53 15.47
C GLY A 243 -21.52 4.94 15.89
N SER A 244 -20.61 5.63 16.57
CA SER A 244 -20.88 6.99 17.01
C SER A 244 -20.86 8.01 15.88
N GLY A 245 -20.25 7.66 14.76
CA GLY A 245 -20.16 8.58 13.64
C GLY A 245 -18.97 9.52 13.72
N LEU A 246 -18.13 9.33 14.74
CA LEU A 246 -16.95 10.17 14.93
C LEU A 246 -15.74 9.39 15.40
N VAL A 247 -14.57 9.73 14.88
CA VAL A 247 -13.35 9.10 15.32
C VAL A 247 -12.42 10.23 15.72
N THR A 248 -11.80 10.13 16.88
CA THR A 248 -10.85 11.16 17.25
C THR A 248 -9.52 10.45 17.40
N VAL A 249 -8.45 11.14 17.05
CA VAL A 249 -7.13 10.54 17.12
C VAL A 249 -6.14 11.60 17.57
N GLU A 250 -5.31 11.23 18.53
CA GLU A 250 -4.27 12.12 18.99
C GLU A 250 -3.01 11.32 18.75
N THR A 251 -2.03 11.92 18.08
CA THR A 251 -0.81 11.20 17.77
C THR A 251 0.41 12.10 17.98
N ASP A 252 1.51 11.49 18.39
CA ASP A 252 2.74 12.22 18.63
C ASP A 252 3.60 12.34 17.34
N HIS A 253 3.35 11.49 16.36
CA HIS A 253 4.08 11.58 15.09
C HIS A 253 3.08 11.39 13.94
N PRO A 254 3.49 11.70 12.69
CA PRO A 254 2.56 11.54 11.56
C PRO A 254 2.07 10.09 11.55
N LEU A 255 0.75 9.93 11.50
CA LEU A 255 0.12 8.62 11.53
C LEU A 255 -0.86 8.52 10.38
N LEU A 256 -0.71 7.48 9.55
CA LEU A 256 -1.59 7.33 8.40
C LEU A 256 -2.94 6.70 8.71
N TRP A 257 -3.99 7.46 8.44
CA TRP A 257 -5.36 7.00 8.61
C TRP A 257 -5.78 6.36 7.30
N THR A 258 -6.45 5.21 7.39
CA THR A 258 -6.95 4.57 6.19
C THR A 258 -8.37 4.11 6.49
N MET A 259 -9.22 4.14 5.48
CA MET A 259 -10.60 3.74 5.67
C MET A 259 -11.22 3.23 4.39
N ALA A 260 -12.22 2.37 4.57
CA ALA A 260 -12.96 1.79 3.46
C ALA A 260 -13.99 2.74 2.91
N ILE A 261 -14.24 2.63 1.62
CA ILE A 261 -15.27 3.43 0.97
C ILE A 261 -16.33 2.39 0.56
N LYS A 262 -17.57 2.67 0.91
CA LYS A 262 -18.69 1.76 0.65
C LYS A 262 -18.89 1.37 -0.81
N SER A 263 -19.40 0.15 -1.00
CA SER A 263 -19.69 -0.42 -2.30
C SER A 263 -18.46 -0.89 -3.04
N MET B 21 28.28 -13.58 8.28
CA MET B 21 28.49 -12.10 8.27
C MET B 21 27.50 -11.42 7.33
N GLU B 22 27.18 -12.08 6.22
CA GLU B 22 26.25 -11.52 5.26
C GLU B 22 25.20 -12.54 4.83
N HIS B 23 24.00 -12.06 4.55
CA HIS B 23 22.95 -12.96 4.12
C HIS B 23 22.79 -12.94 2.60
N ALA B 24 23.16 -14.05 1.96
CA ALA B 24 23.02 -14.18 0.51
C ALA B 24 21.62 -14.67 0.20
N PHE B 25 21.01 -14.10 -0.84
CA PHE B 25 19.63 -14.48 -1.19
C PHE B 25 19.32 -14.11 -2.64
N THR B 26 18.52 -14.95 -3.30
CA THR B 26 18.11 -14.72 -4.69
C THR B 26 16.57 -14.65 -4.65
N PRO B 27 16.02 -13.44 -4.50
CA PRO B 27 14.58 -13.21 -4.42
C PRO B 27 13.65 -13.90 -5.44
N LEU B 28 13.99 -13.84 -6.73
CA LEU B 28 13.14 -14.44 -7.75
C LEU B 28 13.46 -15.88 -8.14
N GLU B 29 14.41 -16.49 -7.44
CA GLU B 29 14.77 -17.87 -7.75
C GLU B 29 13.57 -18.81 -7.87
N PRO B 30 12.57 -18.69 -6.98
CA PRO B 30 11.40 -19.58 -7.06
C PRO B 30 10.59 -19.41 -8.34
N LEU B 31 10.77 -18.29 -9.03
CA LEU B 31 10.02 -18.04 -10.27
C LEU B 31 10.65 -18.72 -11.49
N LEU B 32 11.89 -19.17 -11.34
CA LEU B 32 12.59 -19.84 -12.42
C LEU B 32 12.01 -21.23 -12.67
N PRO B 33 11.93 -21.64 -13.94
CA PRO B 33 11.39 -22.95 -14.32
C PRO B 33 12.33 -24.02 -13.78
N THR B 34 13.61 -23.68 -13.73
CA THR B 34 14.69 -24.55 -13.29
C THR B 34 15.07 -24.40 -11.83
N GLY B 35 15.64 -25.47 -11.26
CA GLY B 35 16.06 -25.41 -9.88
C GLY B 35 15.57 -26.48 -8.91
N ASN B 36 16.30 -26.60 -7.81
CA ASN B 36 16.02 -27.56 -6.75
C ASN B 36 15.79 -26.78 -5.45
N LEU B 37 15.12 -25.65 -5.55
CA LEU B 37 14.85 -24.81 -4.38
C LEU B 37 13.72 -25.37 -3.53
N LYS B 38 13.97 -25.50 -2.23
CA LYS B 38 12.96 -26.02 -1.31
C LYS B 38 12.17 -24.87 -0.73
N TYR B 39 10.88 -24.79 -1.08
CA TYR B 39 10.05 -23.71 -0.58
C TYR B 39 8.62 -24.11 -0.32
N CYS B 40 7.98 -23.42 0.60
CA CYS B 40 6.57 -23.64 0.90
C CYS B 40 5.82 -22.48 0.25
N LEU B 41 4.56 -22.73 -0.12
CA LEU B 41 3.73 -21.74 -0.80
C LEU B 41 2.50 -21.38 0.03
N VAL B 42 2.32 -20.09 0.27
CA VAL B 42 1.17 -19.61 1.04
C VAL B 42 0.30 -18.76 0.14
N VAL B 43 -0.98 -19.11 0.04
CA VAL B 43 -1.91 -18.37 -0.79
C VAL B 43 -2.83 -17.50 0.05
N LEU B 44 -2.71 -16.17 -0.13
CA LEU B 44 -3.54 -15.21 0.60
C LEU B 44 -4.81 -14.90 -0.19
N ASN B 45 -5.70 -14.10 0.40
CA ASN B 45 -6.98 -13.73 -0.18
C ASN B 45 -6.95 -12.73 -1.35
N GLN B 46 -6.38 -13.16 -2.48
CA GLN B 46 -6.29 -12.32 -3.68
C GLN B 46 -6.35 -13.23 -4.91
N PRO B 47 -6.75 -12.67 -6.06
CA PRO B 47 -6.81 -13.49 -7.27
C PRO B 47 -5.38 -13.96 -7.54
N LEU B 48 -5.24 -15.15 -8.11
CA LEU B 48 -3.93 -15.72 -8.40
C LEU B 48 -3.35 -15.28 -9.74
N ASP B 49 -2.05 -15.01 -9.75
CA ASP B 49 -1.36 -14.59 -10.97
C ASP B 49 -0.99 -15.81 -11.80
N ALA B 50 -0.69 -15.57 -13.07
CA ALA B 50 -0.32 -16.65 -13.97
C ALA B 50 0.80 -17.53 -13.41
N ARG B 51 1.68 -16.98 -12.58
CA ARG B 51 2.78 -17.77 -12.03
C ARG B 51 2.34 -18.84 -11.03
N PHE B 52 1.08 -18.80 -10.63
CA PHE B 52 0.56 -19.75 -9.65
C PHE B 52 0.78 -21.23 -9.95
N ARG B 53 0.32 -21.69 -11.11
CA ARG B 53 0.43 -23.11 -11.44
C ARG B 53 1.82 -23.68 -11.23
N HIS B 54 2.82 -23.03 -11.79
CA HIS B 54 4.19 -23.51 -11.65
C HIS B 54 4.69 -23.50 -10.21
N LEU B 55 4.40 -22.42 -9.49
CA LEU B 55 4.83 -22.31 -8.10
C LEU B 55 4.22 -23.42 -7.25
N TRP B 56 2.96 -23.73 -7.50
CA TRP B 56 2.29 -24.78 -6.74
C TRP B 56 2.91 -26.15 -7.02
N LYS B 57 3.18 -26.41 -8.29
CA LYS B 57 3.74 -27.67 -8.72
C LYS B 57 5.02 -28.04 -7.99
N LYS B 58 5.97 -27.12 -7.92
CA LYS B 58 7.23 -27.46 -7.27
C LYS B 58 7.40 -27.10 -5.80
N ALA B 59 6.32 -26.66 -5.17
CA ALA B 59 6.37 -26.33 -3.76
C ALA B 59 6.43 -27.62 -2.94
N LEU B 60 7.16 -27.55 -1.84
CA LEU B 60 7.32 -28.68 -0.93
C LEU B 60 6.05 -28.89 -0.11
N LEU B 61 5.33 -27.80 0.13
CA LEU B 61 4.09 -27.83 0.91
C LEU B 61 3.31 -26.57 0.55
N ARG B 62 1.99 -26.69 0.38
CA ARG B 62 1.18 -25.53 0.04
C ARG B 62 0.08 -25.33 1.08
N ALA B 63 -0.22 -24.07 1.37
CA ALA B 63 -1.25 -23.75 2.35
C ALA B 63 -2.04 -22.54 1.93
N CYS B 64 -3.23 -22.37 2.49
CA CYS B 64 -4.05 -21.21 2.22
C CYS B 64 -4.36 -20.50 3.53
N ALA B 65 -4.41 -19.17 3.48
CA ALA B 65 -4.75 -18.39 4.64
C ALA B 65 -6.14 -17.85 4.33
N ASP B 66 -7.09 -18.15 5.20
CA ASP B 66 -8.50 -17.73 5.02
C ASP B 66 -9.06 -17.79 3.60
N GLY B 67 -9.51 -16.62 3.14
CA GLY B 67 -10.07 -16.46 1.82
C GLY B 67 -9.20 -17.01 0.71
N GLY B 68 -7.89 -17.11 0.93
CA GLY B 68 -7.04 -17.67 -0.10
C GLY B 68 -7.65 -18.96 -0.62
N ALA B 69 -8.28 -19.73 0.27
CA ALA B 69 -8.90 -20.98 -0.11
C ALA B 69 -10.02 -20.78 -1.12
N ASN B 70 -10.77 -19.70 -0.98
CA ASN B 70 -11.85 -19.43 -1.94
C ASN B 70 -11.28 -19.22 -3.33
N HIS B 71 -10.23 -18.39 -3.43
CA HIS B 71 -9.63 -18.13 -4.73
C HIS B 71 -9.05 -19.38 -5.37
N LEU B 72 -8.42 -20.23 -4.56
CA LEU B 72 -7.84 -21.47 -5.06
C LEU B 72 -8.97 -22.35 -5.60
N TYR B 73 -9.96 -22.58 -4.75
CA TYR B 73 -11.11 -23.40 -5.11
C TYR B 73 -11.71 -22.99 -6.44
N ASP B 74 -12.06 -21.71 -6.56
CA ASP B 74 -12.66 -21.20 -7.77
C ASP B 74 -11.77 -21.30 -9.00
N LEU B 75 -10.47 -21.02 -8.83
CA LEU B 75 -9.51 -21.08 -9.93
C LEU B 75 -9.28 -22.50 -10.44
N THR B 76 -9.21 -23.47 -9.53
CA THR B 76 -8.93 -24.85 -9.92
C THR B 76 -10.12 -25.75 -10.21
N GLU B 77 -11.29 -25.17 -10.43
CA GLU B 77 -12.47 -25.97 -10.75
C GLU B 77 -12.16 -26.93 -11.88
N GLY B 78 -12.62 -28.17 -11.76
CA GLY B 78 -12.39 -29.15 -12.80
C GLY B 78 -11.12 -29.98 -12.57
N GLU B 79 -10.24 -29.51 -11.70
CA GLU B 79 -9.00 -30.22 -11.39
C GLU B 79 -8.58 -29.95 -9.95
N ARG B 80 -9.56 -29.65 -9.09
CA ARG B 80 -9.26 -29.36 -7.70
C ARG B 80 -8.41 -30.42 -7.00
N GLU B 81 -8.65 -31.70 -7.31
CA GLU B 81 -7.88 -32.76 -6.69
C GLU B 81 -6.38 -32.66 -6.97
N SER B 82 -6.01 -31.89 -8.00
CA SER B 82 -4.60 -31.71 -8.32
C SER B 82 -4.07 -30.51 -7.53
N PHE B 83 -4.98 -29.78 -6.90
CA PHE B 83 -4.59 -28.60 -6.12
C PHE B 83 -5.19 -28.64 -4.72
N LEU B 84 -4.78 -29.63 -3.94
CA LEU B 84 -5.26 -29.76 -2.58
C LEU B 84 -4.14 -29.31 -1.66
N PRO B 85 -4.38 -28.24 -0.89
CA PRO B 85 -3.36 -27.74 0.02
C PRO B 85 -3.17 -28.65 1.22
N GLU B 86 -1.96 -28.66 1.76
CA GLU B 86 -1.67 -29.46 2.93
C GLU B 86 -2.61 -29.00 4.05
N PHE B 87 -2.78 -27.69 4.21
CA PHE B 87 -3.71 -27.18 5.22
C PHE B 87 -4.26 -25.81 4.82
N VAL B 88 -5.37 -25.45 5.44
CA VAL B 88 -6.03 -24.16 5.23
C VAL B 88 -6.28 -23.64 6.64
N SER B 89 -5.77 -22.46 6.95
CA SER B 89 -5.98 -21.90 8.27
C SER B 89 -6.67 -20.55 8.17
N GLY B 90 -7.20 -20.05 9.28
CA GLY B 90 -7.85 -18.75 9.27
C GLY B 90 -9.18 -18.74 10.00
N ASP B 91 -9.81 -17.57 10.03
CA ASP B 91 -11.11 -17.46 10.67
C ASP B 91 -12.08 -18.11 9.66
N PHE B 92 -12.85 -19.09 10.10
CA PHE B 92 -13.78 -19.77 9.21
C PHE B 92 -14.83 -18.86 8.58
N ASP B 93 -15.03 -17.66 9.11
CA ASP B 93 -15.98 -16.74 8.50
C ASP B 93 -15.40 -16.16 7.19
N SER B 94 -14.16 -16.47 6.87
CA SER B 94 -13.55 -15.95 5.66
C SER B 94 -13.65 -16.93 4.51
N ILE B 95 -13.87 -18.21 4.82
CA ILE B 95 -13.95 -19.25 3.80
C ILE B 95 -15.40 -19.63 3.53
N ARG B 96 -15.77 -19.77 2.26
CA ARG B 96 -17.14 -20.14 1.92
C ARG B 96 -17.43 -21.55 2.46
N PRO B 97 -18.67 -21.80 2.90
CA PRO B 97 -19.01 -23.12 3.44
C PRO B 97 -18.67 -24.28 2.51
N GLU B 98 -19.10 -24.20 1.26
CA GLU B 98 -18.84 -25.26 0.28
C GLU B 98 -17.35 -25.50 0.07
N VAL B 99 -16.57 -24.42 0.13
CA VAL B 99 -15.12 -24.50 -0.05
C VAL B 99 -14.50 -25.21 1.15
N LYS B 100 -14.89 -24.80 2.35
CA LYS B 100 -14.39 -25.41 3.57
C LYS B 100 -14.75 -26.90 3.59
N GLU B 101 -16.00 -27.21 3.22
CA GLU B 101 -16.46 -28.59 3.18
C GLU B 101 -15.62 -29.44 2.22
N TYR B 102 -15.45 -28.95 0.99
CA TYR B 102 -14.67 -29.65 -0.03
C TYR B 102 -13.27 -30.06 0.44
N TYR B 103 -12.48 -29.10 0.90
CA TYR B 103 -11.12 -29.38 1.35
C TYR B 103 -11.12 -30.31 2.57
N THR B 104 -12.12 -30.16 3.44
CA THR B 104 -12.22 -31.02 4.61
C THR B 104 -12.43 -32.44 4.12
N LYS B 105 -13.37 -32.60 3.21
CA LYS B 105 -13.70 -33.91 2.64
C LYS B 105 -12.51 -34.59 1.97
N LYS B 106 -11.65 -33.81 1.33
CA LYS B 106 -10.49 -34.37 0.63
C LYS B 106 -9.29 -34.60 1.54
N GLY B 107 -9.50 -34.44 2.85
CA GLY B 107 -8.43 -34.67 3.79
C GLY B 107 -7.50 -33.51 4.06
N CYS B 108 -7.88 -32.31 3.62
CA CYS B 108 -7.05 -31.15 3.87
C CYS B 108 -7.20 -30.80 5.33
N ASP B 109 -6.11 -30.39 5.96
CA ASP B 109 -6.13 -30.03 7.35
C ASP B 109 -6.65 -28.58 7.50
N LEU B 110 -7.84 -28.44 8.09
CA LEU B 110 -8.47 -27.13 8.30
C LEU B 110 -8.28 -26.66 9.73
N ILE B 111 -7.46 -25.63 9.90
CA ILE B 111 -7.14 -25.11 11.22
C ILE B 111 -7.76 -23.74 11.50
N SER B 112 -8.54 -23.66 12.58
CA SER B 112 -9.21 -22.43 12.96
C SER B 112 -8.29 -21.50 13.74
N THR B 113 -8.16 -20.26 13.29
CA THR B 113 -7.31 -19.27 13.94
C THR B 113 -8.17 -18.03 14.15
N PRO B 114 -8.98 -18.03 15.22
CA PRO B 114 -9.89 -16.97 15.59
C PRO B 114 -9.37 -15.68 16.23
N ASP B 115 -8.15 -15.70 16.75
CA ASP B 115 -7.56 -14.52 17.39
C ASP B 115 -7.78 -13.29 16.53
N GLN B 116 -8.44 -12.27 17.09
CA GLN B 116 -8.73 -11.03 16.39
C GLN B 116 -7.70 -9.93 16.54
N ASP B 117 -6.54 -10.24 17.12
CA ASP B 117 -5.49 -9.23 17.27
C ASP B 117 -4.43 -9.52 16.22
N HIS B 118 -4.61 -10.62 15.49
CA HIS B 118 -3.64 -11.02 14.47
C HIS B 118 -4.33 -11.46 13.19
N THR B 119 -3.72 -11.11 12.05
CA THR B 119 -4.27 -11.45 10.74
C THR B 119 -4.10 -12.93 10.42
N ASP B 120 -4.94 -13.43 9.52
CA ASP B 120 -4.84 -14.83 9.12
C ASP B 120 -3.50 -15.15 8.47
N PHE B 121 -2.89 -14.16 7.82
CA PHE B 121 -1.59 -14.36 7.18
C PHE B 121 -0.57 -14.66 8.30
N THR B 122 -0.52 -13.84 9.33
CA THR B 122 0.42 -14.07 10.45
C THR B 122 0.15 -15.40 11.14
N LYS B 123 -1.12 -15.69 11.41
CA LYS B 123 -1.48 -16.94 12.06
C LYS B 123 -1.15 -18.16 11.20
N CYS B 124 -1.23 -18.00 9.88
CA CYS B 124 -0.93 -19.08 8.95
C CYS B 124 0.57 -19.44 9.00
N LEU B 125 1.41 -18.41 9.12
CA LEU B 125 2.86 -18.63 9.21
C LEU B 125 3.21 -19.38 10.49
N GLN B 126 2.44 -19.16 11.54
CA GLN B 126 2.70 -19.86 12.79
C GLN B 126 2.36 -21.33 12.62
N VAL B 127 1.25 -21.61 11.97
CA VAL B 127 0.88 -23.00 11.73
C VAL B 127 1.93 -23.63 10.84
N LEU B 128 2.32 -22.91 9.79
CA LEU B 128 3.32 -23.42 8.86
C LEU B 128 4.63 -23.75 9.56
N GLN B 129 5.08 -22.88 10.47
CA GLN B 129 6.33 -23.15 11.17
C GLN B 129 6.19 -24.44 11.99
N ARG B 130 5.03 -24.63 12.60
CA ARG B 130 4.74 -25.83 13.38
C ARG B 130 4.86 -27.04 12.45
N LYS B 131 4.17 -26.99 11.32
CA LYS B 131 4.20 -28.07 10.36
C LYS B 131 5.62 -28.39 9.90
N ILE B 132 6.43 -27.36 9.65
CA ILE B 132 7.80 -27.54 9.21
C ILE B 132 8.62 -28.24 10.29
N GLU B 133 8.38 -27.88 11.55
CA GLU B 133 9.09 -28.49 12.66
C GLU B 133 8.58 -29.93 12.82
N GLU B 134 7.26 -30.10 12.82
CA GLU B 134 6.65 -31.43 12.93
C GLU B 134 7.25 -32.39 11.93
N LYS B 135 7.25 -31.99 10.66
CA LYS B 135 7.77 -32.83 9.58
C LYS B 135 9.25 -32.66 9.32
N GLU B 136 9.96 -31.96 10.21
CA GLU B 136 11.39 -31.75 10.03
C GLU B 136 11.74 -31.37 8.58
N LEU B 137 10.94 -30.48 8.00
CA LEU B 137 11.17 -30.05 6.62
C LEU B 137 12.35 -29.11 6.51
N GLN B 138 13.07 -29.21 5.39
CA GLN B 138 14.20 -28.33 5.14
C GLN B 138 13.68 -27.31 4.12
N VAL B 139 13.46 -26.08 4.60
CA VAL B 139 12.91 -25.03 3.73
C VAL B 139 13.87 -23.87 3.54
N ASP B 140 14.07 -23.47 2.29
CA ASP B 140 14.95 -22.35 1.97
C ASP B 140 14.20 -21.04 2.02
N VAL B 141 12.91 -21.07 1.67
CA VAL B 141 12.13 -19.85 1.67
C VAL B 141 10.62 -20.10 1.63
N ILE B 142 9.85 -19.17 2.17
CA ILE B 142 8.40 -19.29 2.16
C ILE B 142 7.93 -18.24 1.13
N VAL B 143 7.24 -18.71 0.09
CA VAL B 143 6.72 -17.83 -0.95
C VAL B 143 5.24 -17.54 -0.70
N THR B 144 4.90 -16.28 -0.48
CA THR B 144 3.52 -15.89 -0.23
C THR B 144 2.92 -15.23 -1.48
N LEU B 145 1.74 -15.67 -1.90
CA LEU B 145 1.10 -15.07 -3.07
C LEU B 145 -0.05 -14.20 -2.62
N GLY B 146 -0.08 -12.97 -3.13
CA GLY B 146 -1.13 -12.03 -2.77
C GLY B 146 -0.66 -10.96 -1.80
N GLY B 147 -1.63 -10.32 -1.12
CA GLY B 147 -1.35 -9.31 -0.10
C GLY B 147 -0.79 -7.95 -0.46
N LEU B 148 -0.58 -7.67 -1.75
CA LEU B 148 -0.03 -6.40 -2.20
C LEU B 148 -1.00 -5.55 -3.04
N GLY B 149 -2.20 -6.07 -3.20
CA GLY B 149 -3.23 -5.36 -3.96
C GLY B 149 -4.49 -5.37 -3.10
N GLY B 150 -5.52 -4.62 -3.47
CA GLY B 150 -6.73 -4.65 -2.66
C GLY B 150 -6.71 -3.65 -1.52
N ARG B 151 -7.55 -3.87 -0.51
CA ARG B 151 -7.66 -2.98 0.66
C ARG B 151 -6.33 -2.47 1.13
N PHE B 152 -6.20 -1.15 1.22
CA PHE B 152 -4.92 -0.59 1.65
C PHE B 152 -4.51 -1.06 3.06
N ASP B 153 -5.47 -1.15 4.01
CA ASP B 153 -5.07 -1.60 5.35
C ASP B 153 -4.44 -3.00 5.30
N GLN B 154 -4.98 -3.85 4.43
CA GLN B 154 -4.45 -5.23 4.33
C GLN B 154 -3.08 -5.31 3.66
N ILE B 155 -2.78 -4.36 2.79
CA ILE B 155 -1.47 -4.33 2.17
C ILE B 155 -0.46 -4.01 3.27
N MET B 156 -0.79 -3.03 4.13
CA MET B 156 0.10 -2.66 5.22
C MET B 156 0.21 -3.81 6.24
N ALA B 157 -0.86 -4.58 6.43
CA ALA B 157 -0.84 -5.71 7.35
C ALA B 157 0.15 -6.75 6.84
N SER B 158 0.17 -6.93 5.52
CA SER B 158 1.08 -7.89 4.87
C SER B 158 2.52 -7.49 5.20
N VAL B 159 2.78 -6.19 5.14
CA VAL B 159 4.10 -5.67 5.44
C VAL B 159 4.42 -5.93 6.92
N ASN B 160 3.46 -5.64 7.79
CA ASN B 160 3.67 -5.86 9.21
C ASN B 160 3.89 -7.34 9.53
N THR B 161 3.23 -8.24 8.80
CA THR B 161 3.45 -9.67 9.04
C THR B 161 4.94 -9.99 8.83
N LEU B 162 5.59 -9.35 7.85
CA LEU B 162 7.01 -9.61 7.62
C LEU B 162 7.86 -9.20 8.85
N PHE B 163 7.48 -8.12 9.52
CA PHE B 163 8.20 -7.71 10.73
C PHE B 163 8.02 -8.80 11.80
N GLN B 164 6.78 -9.26 11.97
CA GLN B 164 6.49 -10.30 12.95
C GLN B 164 7.11 -11.65 12.62
N ALA B 165 7.15 -12.00 11.34
CA ALA B 165 7.69 -13.28 10.90
C ALA B 165 9.08 -13.56 11.43
N THR B 166 9.80 -12.50 11.75
CA THR B 166 11.16 -12.63 12.24
C THR B 166 11.21 -13.37 13.58
N HIS B 167 10.09 -13.34 14.31
CA HIS B 167 9.98 -14.03 15.59
C HIS B 167 9.18 -15.32 15.45
N ILE B 168 8.67 -15.58 14.25
CA ILE B 168 7.88 -16.77 14.01
C ILE B 168 8.69 -17.92 13.43
N THR B 169 9.51 -17.61 12.44
CA THR B 169 10.32 -18.63 11.78
C THR B 169 11.62 -18.00 11.30
N PRO B 170 12.67 -18.82 11.15
CA PRO B 170 13.98 -18.34 10.70
C PRO B 170 14.06 -18.38 9.15
N VAL B 171 13.06 -19.02 8.54
CA VAL B 171 12.99 -19.16 7.09
C VAL B 171 12.59 -17.84 6.43
N PRO B 172 13.37 -17.36 5.45
CA PRO B 172 13.07 -16.11 4.75
C PRO B 172 11.67 -16.17 4.11
N ILE B 173 10.99 -15.03 4.08
CA ILE B 173 9.65 -14.95 3.51
C ILE B 173 9.57 -13.82 2.48
N ILE B 174 9.04 -14.11 1.31
CA ILE B 174 8.86 -13.08 0.29
C ILE B 174 7.38 -13.04 -0.04
N ILE B 175 6.90 -11.86 -0.43
CA ILE B 175 5.50 -11.75 -0.82
C ILE B 175 5.48 -11.27 -2.27
N ILE B 176 4.67 -11.93 -3.09
CA ILE B 176 4.58 -11.61 -4.50
C ILE B 176 3.17 -11.48 -5.01
N GLN B 177 2.92 -10.42 -5.77
CA GLN B 177 1.62 -10.23 -6.41
C GLN B 177 1.77 -9.34 -7.63
N LYS B 178 1.16 -9.77 -8.72
CA LYS B 178 1.19 -9.04 -9.98
C LYS B 178 2.64 -8.85 -10.43
N ASP B 179 3.13 -7.62 -10.47
CA ASP B 179 4.52 -7.42 -10.92
C ASP B 179 5.47 -7.04 -9.78
N SER B 180 5.05 -7.23 -8.53
CA SER B 180 5.88 -6.82 -7.39
C SER B 180 6.21 -7.89 -6.36
N LEU B 181 7.39 -7.76 -5.75
CA LEU B 181 7.83 -8.64 -4.67
C LEU B 181 8.31 -7.72 -3.55
N ILE B 182 8.08 -8.10 -2.30
CA ILE B 182 8.62 -7.34 -1.20
C ILE B 182 9.30 -8.37 -0.30
N TYR B 183 10.35 -7.93 0.38
CA TYR B 183 11.15 -8.80 1.24
C TYR B 183 11.80 -7.90 2.31
N LEU B 184 11.65 -8.24 3.57
CA LEU B 184 12.19 -7.38 4.62
C LEU B 184 13.65 -7.68 5.00
N LEU B 185 14.51 -6.68 4.86
CA LEU B 185 15.95 -6.84 5.17
C LEU B 185 16.21 -6.52 6.65
N GLN B 186 16.65 -7.52 7.42
CA GLN B 186 16.93 -7.30 8.84
C GLN B 186 18.25 -6.55 9.03
N PRO B 187 18.43 -5.86 10.17
CA PRO B 187 19.67 -5.12 10.40
C PRO B 187 20.85 -5.99 10.06
N GLY B 188 21.83 -5.43 9.35
CA GLY B 188 22.99 -6.21 8.95
C GLY B 188 23.25 -6.04 7.47
N LYS B 189 24.06 -6.95 6.91
CA LYS B 189 24.43 -6.88 5.50
C LYS B 189 23.77 -7.96 4.65
N HIS B 190 23.31 -7.57 3.47
CA HIS B 190 22.65 -8.50 2.55
C HIS B 190 23.25 -8.47 1.15
N ARG B 191 23.20 -9.62 0.50
CA ARG B 191 23.69 -9.79 -0.85
C ARG B 191 22.53 -10.37 -1.64
N LEU B 192 21.93 -9.55 -2.48
CA LEU B 192 20.79 -9.97 -3.26
C LEU B 192 21.19 -10.24 -4.70
N HIS B 193 21.06 -11.48 -5.12
CA HIS B 193 21.37 -11.84 -6.50
C HIS B 193 20.15 -11.49 -7.32
N VAL B 194 20.34 -10.59 -8.28
CA VAL B 194 19.24 -10.16 -9.12
C VAL B 194 19.55 -10.45 -10.58
N ASP B 195 20.08 -11.64 -10.83
CA ASP B 195 20.45 -12.07 -12.17
C ASP B 195 19.73 -13.32 -12.66
N THR B 196 18.53 -13.59 -12.13
CA THR B 196 17.79 -14.77 -12.56
C THR B 196 17.26 -14.62 -13.98
N GLY B 197 16.99 -13.37 -14.36
CA GLY B 197 16.43 -13.14 -15.68
C GLY B 197 14.95 -12.87 -15.54
N MET B 198 14.43 -13.01 -14.33
CA MET B 198 13.02 -12.76 -14.05
C MET B 198 12.78 -11.33 -13.55
N GLU B 199 13.86 -10.61 -13.26
CA GLU B 199 13.77 -9.24 -12.76
C GLU B 199 13.18 -8.21 -13.72
N GLY B 200 12.29 -7.37 -13.18
CA GLY B 200 11.69 -6.30 -13.94
C GLY B 200 12.66 -5.14 -13.85
N SER B 201 12.27 -3.96 -14.34
CA SER B 201 13.16 -2.81 -14.36
C SER B 201 13.38 -2.00 -13.07
N TRP B 202 12.36 -1.92 -12.21
CA TRP B 202 12.47 -1.12 -10.99
C TRP B 202 12.70 -1.90 -9.69
N CYS B 203 13.15 -1.17 -8.67
CA CYS B 203 13.36 -1.72 -7.34
C CYS B 203 13.32 -0.55 -6.37
N GLY B 204 13.31 -0.86 -5.09
CA GLY B 204 13.26 0.19 -4.11
C GLY B 204 13.65 -0.30 -2.72
N LEU B 205 13.87 0.67 -1.83
CA LEU B 205 14.22 0.43 -0.44
C LEU B 205 13.29 1.35 0.32
N ILE B 206 12.34 0.76 1.05
CA ILE B 206 11.32 1.50 1.79
C ILE B 206 11.52 1.39 3.31
N PRO B 207 11.81 2.52 3.97
CA PRO B 207 12.02 2.48 5.43
C PRO B 207 10.69 2.52 6.18
N VAL B 208 9.89 1.48 6.00
CA VAL B 208 8.59 1.38 6.67
C VAL B 208 8.93 1.09 8.12
N GLY B 209 8.20 1.67 9.05
CA GLY B 209 8.54 1.33 10.43
C GLY B 209 9.36 2.37 11.17
N GLN B 210 10.58 2.65 10.71
CA GLN B 210 11.41 3.66 11.34
C GLN B 210 12.48 4.09 10.35
N PRO B 211 13.05 5.29 10.52
CA PRO B 211 14.09 5.73 9.58
C PRO B 211 15.31 4.82 9.71
N CYS B 212 15.97 4.52 8.59
CA CYS B 212 17.18 3.71 8.62
C CYS B 212 18.26 4.75 8.38
N ASN B 213 18.98 5.09 9.44
CA ASN B 213 19.98 6.15 9.38
C ASN B 213 21.32 5.83 8.78
N GLN B 214 21.59 4.57 8.55
CA GLN B 214 22.87 4.18 7.98
C GLN B 214 22.68 3.12 6.92
N VAL B 215 22.35 3.55 5.71
CA VAL B 215 22.16 2.58 4.64
C VAL B 215 23.27 2.73 3.60
N THR B 216 23.82 1.59 3.20
CA THR B 216 24.91 1.54 2.22
C THR B 216 24.62 0.44 1.20
N THR B 217 24.70 0.79 -0.09
CA THR B 217 24.43 -0.19 -1.13
C THR B 217 25.43 -0.13 -2.28
N THR B 218 25.42 -1.21 -3.07
CA THR B 218 26.18 -1.29 -4.31
C THR B 218 25.17 -1.95 -5.24
N GLY B 219 25.32 -1.78 -6.55
CA GLY B 219 24.42 -2.41 -7.49
C GLY B 219 23.20 -1.63 -7.93
N LEU B 220 22.96 -0.45 -7.38
CA LEU B 220 21.79 0.31 -7.81
C LEU B 220 22.22 1.51 -8.65
N LYS B 221 21.28 2.14 -9.35
CA LYS B 221 21.64 3.30 -10.15
C LYS B 221 21.86 4.45 -9.18
N TRP B 222 21.02 4.50 -8.14
CA TRP B 222 21.16 5.51 -7.10
C TRP B 222 21.51 4.76 -5.83
N ASN B 223 22.79 4.71 -5.50
CA ASN B 223 23.24 4.00 -4.31
C ASN B 223 23.20 4.92 -3.12
N LEU B 224 23.29 4.31 -1.94
CA LEU B 224 23.30 5.07 -0.72
C LEU B 224 24.65 4.75 -0.10
N THR B 225 25.23 5.73 0.58
CA THR B 225 26.52 5.56 1.23
C THR B 225 26.36 6.11 2.64
N ASN B 226 26.15 5.20 3.59
CA ASN B 226 25.90 5.58 4.96
C ASN B 226 24.93 6.74 4.99
N ASP B 227 23.84 6.60 4.23
CA ASP B 227 22.80 7.62 4.12
C ASP B 227 21.52 7.29 4.89
N VAL B 228 20.70 8.32 5.10
CA VAL B 228 19.43 8.15 5.80
C VAL B 228 18.27 7.89 4.85
N LEU B 229 17.47 6.88 5.16
CA LEU B 229 16.26 6.59 4.41
C LEU B 229 15.16 6.69 5.46
N GLY B 230 14.17 7.54 5.19
CA GLY B 230 13.05 7.74 6.09
C GLY B 230 11.91 8.44 5.38
N PHE B 231 10.67 8.15 5.75
CA PHE B 231 9.55 8.82 5.09
C PHE B 231 9.62 10.31 5.39
N GLY B 232 9.46 11.12 4.35
CA GLY B 232 9.54 12.57 4.53
C GLY B 232 10.98 13.08 4.40
N THR B 233 11.94 12.17 4.37
CA THR B 233 13.36 12.51 4.23
C THR B 233 13.86 11.99 2.87
N LEU B 234 13.87 10.67 2.73
CA LEU B 234 14.28 10.03 1.48
C LEU B 234 13.77 8.59 1.42
N VAL B 235 13.01 8.28 0.37
CA VAL B 235 12.52 6.93 0.18
C VAL B 235 12.94 6.54 -1.22
N SER B 236 13.59 5.39 -1.36
CA SER B 236 14.04 4.97 -2.68
C SER B 236 13.00 4.19 -3.47
N THR B 237 12.41 4.85 -4.47
CA THR B 237 11.43 4.21 -5.33
C THR B 237 11.89 4.47 -6.78
N SER B 238 11.47 3.61 -7.70
CA SER B 238 11.87 3.70 -9.10
C SER B 238 13.39 3.71 -9.22
N ASN B 239 14.07 2.94 -8.35
CA ASN B 239 15.51 2.83 -8.46
C ASN B 239 15.68 1.75 -9.54
N THR B 240 16.89 1.59 -10.05
CA THR B 240 17.13 0.58 -11.08
C THR B 240 18.47 -0.07 -10.83
N TYR B 241 18.83 -1.06 -11.63
CA TYR B 241 20.09 -1.78 -11.41
C TYR B 241 21.26 -1.29 -12.24
N ASP B 242 22.48 -1.47 -11.73
CA ASP B 242 23.66 -1.02 -12.46
C ASP B 242 24.12 -2.05 -13.49
N GLY B 243 23.42 -3.18 -13.54
CA GLY B 243 23.75 -4.22 -14.51
C GLY B 243 24.75 -5.26 -14.06
N SER B 244 25.27 -5.14 -12.84
CA SER B 244 26.25 -6.09 -12.34
C SER B 244 25.62 -7.42 -11.93
N GLY B 245 24.30 -7.44 -11.77
CA GLY B 245 23.60 -8.65 -11.37
C GLY B 245 23.55 -8.87 -9.86
N LEU B 246 24.11 -7.92 -9.12
CA LEU B 246 24.15 -8.03 -7.67
C LEU B 246 23.84 -6.72 -6.96
N VAL B 247 23.08 -6.82 -5.88
CA VAL B 247 22.77 -5.65 -5.09
C VAL B 247 23.17 -6.00 -3.67
N THR B 248 23.91 -5.13 -3.01
CA THR B 248 24.26 -5.41 -1.63
C THR B 248 23.65 -4.29 -0.82
N VAL B 249 23.26 -4.59 0.41
CA VAL B 249 22.63 -3.59 1.24
C VAL B 249 23.01 -3.80 2.68
N GLU B 250 23.40 -2.71 3.34
CA GLU B 250 23.72 -2.76 4.74
C GLU B 250 22.73 -1.78 5.36
N THR B 251 22.09 -2.18 6.45
CA THR B 251 21.10 -1.32 7.08
C THR B 251 21.15 -1.45 8.60
N ASP B 252 20.84 -0.35 9.29
CA ASP B 252 20.84 -0.33 10.76
C ASP B 252 19.52 -0.80 11.36
N HIS B 253 18.43 -0.66 10.59
CA HIS B 253 17.10 -1.09 11.03
C HIS B 253 16.43 -1.86 9.89
N PRO B 254 15.33 -2.57 10.19
CA PRO B 254 14.61 -3.34 9.17
C PRO B 254 14.31 -2.43 7.98
N LEU B 255 14.64 -2.88 6.79
CA LEU B 255 14.42 -2.07 5.60
C LEU B 255 13.75 -2.97 4.57
N LEU B 256 12.65 -2.48 3.99
CA LEU B 256 11.90 -3.26 3.04
C LEU B 256 12.39 -3.14 1.61
N TRP B 257 12.84 -4.27 1.08
CA TRP B 257 13.29 -4.33 -0.30
C TRP B 257 12.07 -4.62 -1.17
N THR B 258 11.97 -3.93 -2.32
CA THR B 258 10.89 -4.20 -3.25
C THR B 258 11.50 -4.23 -4.65
N MET B 259 10.99 -5.11 -5.50
CA MET B 259 11.52 -5.24 -6.84
C MET B 259 10.47 -5.64 -7.86
N ALA B 260 10.72 -5.25 -9.11
CA ALA B 260 9.83 -5.59 -10.21
C ALA B 260 10.10 -7.00 -10.68
N ILE B 261 9.04 -7.64 -11.14
CA ILE B 261 9.10 -8.99 -11.69
C ILE B 261 8.70 -8.82 -13.15
N LYS B 262 9.49 -9.39 -14.05
CA LYS B 262 9.23 -9.33 -15.48
C LYS B 262 7.82 -9.84 -15.81
N SER B 263 7.11 -9.11 -16.66
CA SER B 263 5.76 -9.52 -17.05
C SER B 263 5.83 -10.73 -18.00
#